data_4D5Q
#
_entry.id   4D5Q
#
_cell.length_a   83.282
_cell.length_b   83.597
_cell.length_c   110.757
_cell.angle_alpha   90.00
_cell.angle_beta   90.00
_cell.angle_gamma   90.00
#
_symmetry.space_group_name_H-M   'I 2 2 2'
#
loop_
_entity.id
_entity.type
_entity.pdbx_description
1 polymer 'CELLULOSE 1,4-BETA-CELLOBIOSIDASE'
2 branched beta-D-xylopyranose-(1-4)-beta-D-xylopyranose-(1-4)-beta-D-xylopyranose-(1-2)-beta-D-xylopyranose
3 branched beta-D-xylopyranose-(1-2)-beta-D-xylopyranose
4 non-polymer 'COBALT (II) ION'
5 non-polymer 2-acetamido-2-deoxy-beta-D-glucopyranose
6 non-polymer beta-D-xylopyranose
7 water water
#
_entity_poly.entity_id   1
_entity_poly.type   'polypeptide(L)'
_entity_poly.pdbx_seq_one_letter_code
;(PCA)SACTLQSETHPPLTWQKCSSGGTCTQQTGSVVIDANWRWTHATNSSTNCYDGNTWSSTLCPDNETCAKNCCLDGA
AYASTYGVTTSGNSLSIGFVTQSAQKNVGARLYLMASDTTYQEFTLLGNEFSFDVDVSQLPCGLNGALYFVSMDADGGVS
KYPTNTAGAKYGTGYCDSQCPRDLKFINGQANVEGWEPSSNNANTGIGGHGSCCSEMDIWQANSISEALTPHPCTTVGQE
ICEGDGCGGTYSDNRYGGTCDPDGCDWNPYRLGNTSFYGPGSSFTLDTTKKLTVVTQFETSGAINRYYVQNGVTFQQPNA
ELGSYSGNELNDDYCTAEEAEFGGSSFSDKGGLTQFKKATSGGMVLVMSLWDDYYANMLWLDSTYPTNETSSTPGAVRGS
CSTSSGVPAQVESQSPNAKVTFSNIKFGPIGSTGNPSG
;
_entity_poly.pdbx_strand_id   A
#
loop_
_chem_comp.id
_chem_comp.type
_chem_comp.name
_chem_comp.formula
CO non-polymer 'COBALT (II) ION' 'Co 2'
NAG D-saccharide, beta linking 2-acetamido-2-deoxy-beta-D-glucopyranose 'C8 H15 N O6'
XYP D-saccharide, beta linking beta-D-xylopyranose 'C5 H10 O5'
#
# COMPACT_ATOMS: atom_id res chain seq x y z
N PCA A 1 -13.16 -17.86 1.51
CA PCA A 1 -14.08 -17.62 2.62
CB PCA A 1 -13.41 -16.50 3.40
CG PCA A 1 -12.53 -15.80 2.39
CD PCA A 1 -12.39 -16.81 1.30
OE PCA A 1 -11.67 -16.69 0.34
C PCA A 1 -15.41 -17.11 2.18
O PCA A 1 -15.50 -16.49 1.11
N SER A 2 -16.44 -17.35 2.99
CA SER A 2 -17.73 -16.68 2.83
C SER A 2 -17.81 -15.41 3.69
N ALA A 3 -18.96 -14.75 3.67
CA ALA A 3 -19.23 -13.57 4.50
C ALA A 3 -20.32 -13.87 5.53
N CYS A 4 -20.10 -13.38 6.74
CA CYS A 4 -21.10 -13.45 7.81
C CYS A 4 -21.54 -12.02 8.17
N THR A 5 -22.63 -11.90 8.93
CA THR A 5 -23.24 -10.60 9.20
C THR A 5 -23.57 -10.38 10.68
N LEU A 6 -22.78 -10.95 11.58
CA LEU A 6 -22.89 -10.58 12.98
C LEU A 6 -22.63 -9.08 13.18
N GLN A 7 -21.74 -8.49 12.38
CA GLN A 7 -21.52 -7.04 12.32
CA GLN A 7 -21.55 -7.05 12.32
C GLN A 7 -21.81 -6.60 10.89
N SER A 8 -22.61 -5.56 10.72
CA SER A 8 -22.96 -5.11 9.39
C SER A 8 -21.75 -4.46 8.73
N GLU A 9 -21.75 -4.47 7.41
CA GLU A 9 -20.67 -3.88 6.62
C GLU A 9 -21.22 -2.68 5.86
N THR A 10 -20.84 -1.49 6.31
CA THR A 10 -21.19 -0.23 5.68
C THR A 10 -19.89 0.48 5.29
N HIS A 11 -19.61 0.56 4.00
CA HIS A 11 -18.35 1.16 3.53
C HIS A 11 -18.41 2.67 3.65
N PRO A 12 -17.44 3.29 4.33
CA PRO A 12 -17.46 4.76 4.39
C PRO A 12 -17.40 5.37 2.99
N PRO A 13 -18.36 6.28 2.65
CA PRO A 13 -18.33 6.90 1.32
CA PRO A 13 -18.31 6.87 1.31
C PRO A 13 -17.11 7.78 1.10
N LEU A 14 -16.72 7.93 -0.17
CA LEU A 14 -15.61 8.81 -0.54
C LEU A 14 -15.80 9.24 -1.97
N THR A 15 -15.77 10.55 -2.21
CA THR A 15 -15.89 11.11 -3.55
C THR A 15 -14.51 11.44 -4.11
N TRP A 16 -14.44 11.51 -5.43
CA TRP A 16 -13.21 11.82 -6.15
C TRP A 16 -13.58 12.42 -7.49
N GLN A 17 -12.66 13.11 -8.14
CA GLN A 17 -12.97 13.81 -9.38
C GLN A 17 -12.39 13.06 -10.56
N LYS A 18 -13.20 12.88 -11.61
CA LYS A 18 -12.72 12.40 -12.90
C LYS A 18 -12.68 13.60 -13.86
N CYS A 19 -11.49 13.91 -14.36
CA CYS A 19 -11.29 15.08 -15.18
C CYS A 19 -11.11 14.66 -16.63
N SER A 20 -11.38 15.60 -17.53
CA SER A 20 -11.32 15.34 -18.99
CA SER A 20 -11.33 15.35 -18.98
C SER A 20 -10.35 16.27 -19.67
N SER A 21 -9.87 15.88 -20.84
CA SER A 21 -8.94 16.67 -21.58
C SER A 21 -9.51 18.04 -21.97
N GLY A 22 -10.84 18.11 -22.11
CA GLY A 22 -11.52 19.36 -22.45
C GLY A 22 -11.57 20.40 -21.35
N GLY A 23 -11.10 20.05 -20.16
CA GLY A 23 -10.88 21.06 -19.12
C GLY A 23 -11.83 21.08 -17.94
N THR A 24 -12.77 20.15 -17.88
CA THR A 24 -13.68 20.06 -16.74
C THR A 24 -13.46 18.75 -16.00
N CYS A 25 -13.95 18.73 -14.77
CA CYS A 25 -13.88 17.57 -13.91
C CYS A 25 -15.29 17.34 -13.39
N THR A 26 -15.65 16.07 -13.17
CA THR A 26 -16.96 15.74 -12.61
CA THR A 26 -16.97 15.64 -12.71
C THR A 26 -16.80 14.80 -11.44
N GLN A 27 -17.67 14.99 -10.45
CA GLN A 27 -17.58 14.22 -9.21
C GLN A 27 -18.05 12.78 -9.38
N GLN A 28 -17.27 11.85 -8.82
CA GLN A 28 -17.58 10.44 -8.76
C GLN A 28 -17.82 10.09 -7.32
N THR A 29 -18.75 9.18 -7.05
CA THR A 29 -19.00 8.73 -5.69
C THR A 29 -18.63 7.27 -5.56
N GLY A 30 -17.65 7.01 -4.68
CA GLY A 30 -17.26 5.66 -4.34
C GLY A 30 -17.34 5.43 -2.85
N SER A 31 -16.54 4.50 -2.37
CA SER A 31 -16.43 4.24 -0.93
C SER A 31 -15.13 3.51 -0.65
N VAL A 32 -14.81 3.26 0.62
CA VAL A 32 -13.62 2.51 0.96
C VAL A 32 -13.98 1.25 1.72
N VAL A 33 -13.17 0.20 1.56
CA VAL A 33 -13.37 -1.06 2.26
C VAL A 33 -12.04 -1.54 2.85
N ILE A 34 -12.12 -2.11 4.06
CA ILE A 34 -10.92 -2.61 4.75
C ILE A 34 -10.54 -4.02 4.30
N ASP A 35 -9.23 -4.23 4.17
CA ASP A 35 -8.69 -5.52 3.80
C ASP A 35 -9.12 -6.62 4.78
N ALA A 36 -9.37 -7.80 4.22
CA ALA A 36 -9.84 -8.96 4.96
C ALA A 36 -8.96 -9.38 6.13
N ASN A 37 -7.64 -9.12 6.04
CA ASN A 37 -6.74 -9.46 7.15
C ASN A 37 -7.06 -8.78 8.46
N TRP A 38 -7.73 -7.62 8.41
CA TRP A 38 -8.06 -6.87 9.61
C TRP A 38 -9.35 -7.37 10.28
N ARG A 39 -10.08 -8.21 9.57
CA ARG A 39 -11.40 -8.63 9.98
C ARG A 39 -11.40 -9.79 10.94
N TRP A 40 -12.55 -9.94 11.57
CA TRP A 40 -12.86 -11.08 12.38
C TRP A 40 -13.16 -12.24 11.44
N THR A 41 -12.44 -13.34 11.63
CA THR A 41 -12.70 -14.55 10.88
C THR A 41 -13.23 -15.60 11.85
N HIS A 42 -14.45 -16.06 11.61
CA HIS A 42 -15.10 -17.04 12.50
C HIS A 42 -15.86 -18.14 11.75
N ALA A 43 -16.28 -19.15 12.53
CA ALA A 43 -17.11 -20.22 11.99
C ALA A 43 -18.41 -19.68 11.41
N THR A 44 -18.84 -20.26 10.31
CA THR A 44 -20.05 -19.78 9.62
C THR A 44 -21.31 -19.80 10.49
N ASN A 45 -21.41 -20.75 11.41
CA ASN A 45 -22.63 -20.91 12.21
C ASN A 45 -22.47 -20.66 13.71
N SER A 46 -21.38 -20.01 14.11
CA SER A 46 -21.20 -19.57 15.50
C SER A 46 -20.24 -18.41 15.54
N SER A 47 -19.95 -17.95 16.76
CA SER A 47 -18.98 -16.88 16.98
CA SER A 47 -18.98 -16.88 16.98
C SER A 47 -17.58 -17.42 17.31
N THR A 48 -17.35 -18.71 17.10
CA THR A 48 -16.05 -19.30 17.42
C THR A 48 -15.02 -18.81 16.40
N ASN A 49 -13.88 -18.32 16.89
CA ASN A 49 -12.85 -17.77 15.99
C ASN A 49 -12.16 -18.88 15.18
N CYS A 50 -11.96 -18.64 13.88
CA CYS A 50 -11.12 -19.52 13.08
C CYS A 50 -9.66 -19.14 13.21
N TYR A 51 -9.43 -17.86 13.49
CA TYR A 51 -8.11 -17.30 13.71
C TYR A 51 -8.20 -16.46 14.97
N ASP A 52 -7.21 -16.61 15.85
CA ASP A 52 -7.18 -15.87 17.11
C ASP A 52 -5.75 -15.60 17.49
N GLY A 53 -5.46 -14.35 17.80
CA GLY A 53 -4.08 -13.93 18.06
C GLY A 53 -3.28 -14.06 16.79
N ASN A 54 -2.36 -15.02 16.76
CA ASN A 54 -1.62 -15.33 15.53
C ASN A 54 -1.62 -16.81 15.21
N THR A 55 -2.69 -17.48 15.63
CA THR A 55 -2.79 -18.89 15.36
CA THR A 55 -2.83 -18.92 15.51
C THR A 55 -4.19 -19.26 14.88
N TRP A 56 -4.27 -20.34 14.14
CA TRP A 56 -5.53 -20.82 13.60
C TRP A 56 -6.15 -21.90 14.49
N SER A 57 -7.47 -22.00 14.45
CA SER A 57 -8.17 -23.14 15.04
C SER A 57 -7.79 -24.46 14.32
N SER A 58 -7.18 -25.40 15.04
CA SER A 58 -6.76 -26.67 14.47
C SER A 58 -7.97 -27.56 14.07
N THR A 59 -9.12 -27.32 14.68
CA THR A 59 -10.31 -28.11 14.36
C THR A 59 -11.09 -27.53 13.20
N LEU A 60 -11.31 -26.22 13.22
CA LEU A 60 -12.06 -25.56 12.12
C LEU A 60 -11.20 -25.48 10.86
N CYS A 61 -9.89 -25.35 11.06
CA CYS A 61 -8.92 -25.15 9.97
C CYS A 61 -7.77 -26.18 9.95
N PRO A 62 -8.09 -27.47 9.68
CA PRO A 62 -7.07 -28.51 9.56
C PRO A 62 -6.26 -28.47 8.27
N ASP A 63 -6.82 -27.81 7.26
CA ASP A 63 -6.14 -27.63 5.98
C ASP A 63 -6.82 -26.45 5.30
N ASN A 64 -6.25 -25.99 4.19
CA ASN A 64 -6.67 -24.73 3.59
C ASN A 64 -8.09 -24.73 3.06
N GLU A 65 -8.54 -25.86 2.51
CA GLU A 65 -9.86 -25.96 1.90
C GLU A 65 -10.95 -26.08 2.95
N THR A 66 -10.75 -26.97 3.93
CA THR A 66 -11.71 -27.16 5.00
C THR A 66 -11.90 -25.85 5.75
N CYS A 67 -10.79 -25.14 5.96
CA CYS A 67 -10.81 -23.86 6.67
C CYS A 67 -11.70 -22.86 5.95
N ALA A 68 -11.52 -22.72 4.64
CA ALA A 68 -12.35 -21.79 3.84
C ALA A 68 -13.83 -22.19 3.82
N LYS A 69 -14.11 -23.49 3.80
CA LYS A 69 -15.49 -23.97 3.85
C LYS A 69 -16.14 -23.68 5.21
N ASN A 70 -15.38 -23.83 6.28
CA ASN A 70 -15.92 -23.63 7.62
C ASN A 70 -16.04 -22.18 8.09
N CYS A 71 -15.31 -21.27 7.42
CA CYS A 71 -15.05 -19.96 8.00
C CYS A 71 -15.55 -18.82 7.14
N CYS A 72 -15.86 -17.70 7.79
CA CYS A 72 -16.29 -16.49 7.10
C CYS A 72 -15.61 -15.25 7.67
N LEU A 73 -15.61 -14.21 6.85
CA LEU A 73 -15.19 -12.88 7.25
C LEU A 73 -16.45 -12.11 7.64
N ASP A 74 -16.35 -11.29 8.67
CA ASP A 74 -17.48 -10.47 9.12
C ASP A 74 -17.25 -8.98 8.88
N GLY A 75 -18.25 -8.19 9.21
CA GLY A 75 -18.19 -6.76 9.01
C GLY A 75 -17.28 -6.00 9.94
N ALA A 76 -17.05 -4.74 9.58
CA ALA A 76 -16.09 -3.86 10.22
C ALA A 76 -16.80 -2.61 10.77
N ALA A 77 -16.53 -2.29 12.03
CA ALA A 77 -16.92 -1.00 12.59
C ALA A 77 -15.77 -0.05 12.29
N TYR A 78 -15.92 0.72 11.22
CA TYR A 78 -14.78 1.47 10.67
C TYR A 78 -14.21 2.48 11.63
N ALA A 79 -15.04 3.30 12.25
CA ALA A 79 -14.52 4.33 13.15
C ALA A 79 -14.12 3.79 14.52
N SER A 80 -14.99 3.01 15.16
CA SER A 80 -14.74 2.60 16.54
C SER A 80 -13.69 1.47 16.68
N THR A 81 -13.65 0.55 15.72
CA THR A 81 -12.65 -0.50 15.78
C THR A 81 -11.37 -0.11 15.05
N TYR A 82 -11.51 0.50 13.87
CA TYR A 82 -10.36 0.67 12.96
C TYR A 82 -9.83 2.09 12.78
N GLY A 83 -10.47 3.06 13.42
CA GLY A 83 -10.06 4.47 13.36
C GLY A 83 -10.07 5.05 11.96
N VAL A 84 -11.01 4.58 11.13
CA VAL A 84 -11.17 5.00 9.75
C VAL A 84 -12.44 5.85 9.64
N THR A 85 -12.29 7.09 9.16
CA THR A 85 -13.44 7.99 8.91
C THR A 85 -13.31 8.68 7.55
N THR A 86 -14.44 9.06 6.98
CA THR A 86 -14.44 9.85 5.77
C THR A 86 -15.37 11.04 5.92
N SER A 87 -15.11 12.07 5.13
CA SER A 87 -15.98 13.22 5.00
C SER A 87 -15.82 13.77 3.58
N GLY A 88 -16.84 13.61 2.75
CA GLY A 88 -16.80 14.12 1.38
C GLY A 88 -15.65 13.49 0.59
N ASN A 89 -14.67 14.32 0.22
CA ASN A 89 -13.50 13.83 -0.52
C ASN A 89 -12.30 13.51 0.37
N SER A 90 -12.49 13.45 1.69
CA SER A 90 -11.40 13.23 2.64
C SER A 90 -11.51 11.91 3.40
N LEU A 91 -10.37 11.24 3.57
CA LEU A 91 -10.25 10.00 4.32
C LEU A 91 -9.19 10.16 5.40
N SER A 92 -9.55 9.81 6.64
CA SER A 92 -8.56 9.81 7.73
C SER A 92 -8.37 8.41 8.31
N ILE A 93 -7.10 8.05 8.58
CA ILE A 93 -6.77 6.76 9.19
C ILE A 93 -5.95 7.01 10.45
N GLY A 94 -6.46 6.57 11.60
CA GLY A 94 -5.72 6.67 12.88
C GLY A 94 -4.78 5.49 13.05
N PHE A 95 -3.73 5.66 13.85
CA PHE A 95 -2.70 4.62 13.97
C PHE A 95 -3.09 3.50 14.94
N VAL A 96 -3.18 3.84 16.22
CA VAL A 96 -3.64 2.88 17.23
C VAL A 96 -5.05 3.27 17.67
N THR A 97 -6.00 2.34 17.54
CA THR A 97 -7.38 2.53 17.99
C THR A 97 -7.74 1.51 19.06
N GLN A 98 -8.13 2.02 20.24
CA GLN A 98 -8.53 1.17 21.37
CA GLN A 98 -8.53 1.19 21.38
C GLN A 98 -10.05 1.05 21.43
N SER A 99 -10.54 -0.18 21.34
CA SER A 99 -11.96 -0.50 21.55
C SER A 99 -11.94 -1.61 22.60
N ALA A 100 -12.65 -2.72 22.41
CA ALA A 100 -12.48 -3.88 23.29
C ALA A 100 -11.05 -4.42 23.18
N GLN A 101 -10.45 -4.25 22.00
CA GLN A 101 -9.09 -4.67 21.76
C GLN A 101 -8.34 -3.52 21.10
N LYS A 102 -7.02 -3.66 21.02
CA LYS A 102 -6.18 -2.74 20.28
C LYS A 102 -6.12 -3.11 18.80
N ASN A 103 -6.34 -2.14 17.92
CA ASN A 103 -6.12 -2.32 16.48
C ASN A 103 -4.97 -1.41 16.05
N VAL A 104 -4.13 -1.90 15.15
CA VAL A 104 -3.08 -1.05 14.58
C VAL A 104 -3.26 -0.92 13.09
N GLY A 105 -3.51 0.31 12.65
CA GLY A 105 -3.51 0.68 11.25
C GLY A 105 -4.65 0.09 10.45
N ALA A 106 -4.55 0.26 9.13
CA ALA A 106 -5.57 -0.22 8.19
C ALA A 106 -5.00 -0.21 6.78
N ARG A 107 -5.55 -1.08 5.94
CA ARG A 107 -5.33 -1.04 4.50
C ARG A 107 -6.72 -1.02 3.88
N LEU A 108 -6.98 -0.03 3.04
CA LEU A 108 -8.27 0.23 2.44
C LEU A 108 -8.20 0.28 0.92
N TYR A 109 -9.28 -0.13 0.24
CA TYR A 109 -9.35 -0.08 -1.24
C TYR A 109 -10.52 0.80 -1.65
N LEU A 110 -10.36 1.56 -2.74
CA LEU A 110 -11.46 2.39 -3.24
C LEU A 110 -12.45 1.53 -4.03
N MET A 111 -13.73 1.63 -3.72
CA MET A 111 -14.76 0.82 -4.40
C MET A 111 -15.48 1.59 -5.49
N ALA A 112 -15.93 0.85 -6.50
CA ALA A 112 -16.83 1.36 -7.55
C ALA A 112 -18.29 1.18 -7.13
N SER A 113 -18.59 0.07 -6.51
CA SER A 113 -19.91 -0.21 -5.98
C SER A 113 -19.64 -0.94 -4.69
N ASP A 114 -20.70 -1.28 -3.99
CA ASP A 114 -20.52 -1.93 -2.69
CA ASP A 114 -20.65 -1.97 -2.72
C ASP A 114 -19.99 -3.36 -2.82
N THR A 115 -19.89 -3.87 -4.05
CA THR A 115 -19.36 -5.22 -4.26
C THR A 115 -18.20 -5.32 -5.26
N THR A 116 -17.67 -4.19 -5.73
CA THR A 116 -16.63 -4.19 -6.75
C THR A 116 -15.62 -3.08 -6.46
N TYR A 117 -14.34 -3.36 -6.74
CA TYR A 117 -13.27 -2.35 -6.67
C TYR A 117 -13.31 -1.41 -7.88
N GLN A 118 -12.89 -0.17 -7.68
CA GLN A 118 -12.70 0.77 -8.78
C GLN A 118 -11.35 0.44 -9.45
N GLU A 119 -11.34 0.27 -10.76
CA GLU A 119 -10.10 0.03 -11.50
C GLU A 119 -9.74 1.32 -12.22
N PHE A 120 -8.46 1.66 -12.21
CA PHE A 120 -7.90 2.83 -12.91
C PHE A 120 -6.85 2.35 -13.91
N THR A 121 -6.89 2.88 -15.14
CA THR A 121 -5.86 2.65 -16.14
C THR A 121 -4.95 3.86 -16.08
N LEU A 122 -3.76 3.70 -15.52
CA LEU A 122 -2.85 4.81 -15.25
C LEU A 122 -2.15 5.36 -16.48
N LEU A 123 -1.80 4.50 -17.43
CA LEU A 123 -1.02 4.93 -18.59
C LEU A 123 -1.73 6.00 -19.43
N GLY A 124 -1.03 7.12 -19.65
CA GLY A 124 -1.57 8.25 -20.38
C GLY A 124 -2.31 9.22 -19.47
N ASN A 125 -2.45 8.84 -18.21
CA ASN A 125 -3.18 9.61 -17.24
C ASN A 125 -2.31 10.11 -16.09
N GLU A 126 -2.90 10.97 -15.27
CA GLU A 126 -2.28 11.44 -14.04
C GLU A 126 -3.23 11.30 -12.86
N PHE A 127 -2.64 11.17 -11.69
CA PHE A 127 -3.35 10.99 -10.44
C PHE A 127 -2.84 12.06 -9.49
N SER A 128 -3.78 12.82 -8.94
CA SER A 128 -3.53 13.92 -7.99
C SER A 128 -4.21 13.64 -6.67
N PHE A 129 -3.55 13.96 -5.56
CA PHE A 129 -4.18 13.90 -4.24
C PHE A 129 -3.52 14.89 -3.30
N ASP A 130 -4.26 15.30 -2.28
CA ASP A 130 -3.73 16.10 -1.18
C ASP A 130 -3.47 15.17 0.02
N VAL A 131 -2.46 15.50 0.80
CA VAL A 131 -2.13 14.68 1.95
C VAL A 131 -1.63 15.53 3.12
N ASP A 132 -2.01 15.16 4.33
CA ASP A 132 -1.46 15.74 5.55
C ASP A 132 -0.70 14.64 6.24
N VAL A 133 0.63 14.73 6.20
CA VAL A 133 1.54 13.79 6.85
C VAL A 133 2.12 14.35 8.17
N SER A 134 1.59 15.47 8.64
CA SER A 134 2.17 16.16 9.80
C SER A 134 2.25 15.29 11.04
N GLN A 135 1.30 14.38 11.19
CA GLN A 135 1.20 13.53 12.38
C GLN A 135 1.84 12.16 12.17
N LEU A 136 2.70 12.03 11.18
CA LEU A 136 3.44 10.79 10.95
C LEU A 136 4.92 10.98 11.29
N PRO A 137 5.35 10.42 12.42
CA PRO A 137 6.77 10.47 12.80
C PRO A 137 7.58 9.31 12.18
N CYS A 138 8.88 9.31 12.44
CA CYS A 138 9.75 8.22 12.04
C CYS A 138 9.10 6.87 12.37
N GLY A 139 9.21 5.92 11.44
CA GLY A 139 8.71 4.57 11.66
C GLY A 139 7.29 4.29 11.20
N LEU A 140 6.57 5.33 10.79
CA LEU A 140 5.21 5.18 10.25
C LEU A 140 5.19 5.46 8.75
N ASN A 141 4.14 4.99 8.09
CA ASN A 141 3.99 5.15 6.64
C ASN A 141 2.52 5.25 6.31
N GLY A 142 2.13 6.40 5.81
CA GLY A 142 0.78 6.57 5.25
C GLY A 142 0.95 6.37 3.75
N ALA A 143 0.63 5.19 3.27
CA ALA A 143 0.93 4.85 1.89
C ALA A 143 -0.30 4.94 0.98
N LEU A 144 -0.10 5.47 -0.23
CA LEU A 144 -1.11 5.50 -1.26
C LEU A 144 -0.45 4.89 -2.48
N TYR A 145 -1.08 3.85 -3.02
CA TYR A 145 -0.49 3.08 -4.10
C TYR A 145 -1.53 2.31 -4.90
N PHE A 146 -1.09 1.66 -5.97
CA PHE A 146 -1.94 0.84 -6.83
C PHE A 146 -1.39 -0.57 -6.96
N VAL A 147 -2.29 -1.54 -7.07
CA VAL A 147 -1.91 -2.92 -7.30
C VAL A 147 -2.86 -3.55 -8.33
N SER A 148 -2.35 -4.52 -9.08
CA SER A 148 -3.12 -5.18 -10.14
C SER A 148 -4.02 -6.30 -9.61
N MET A 149 -5.02 -5.88 -8.81
CA MET A 149 -6.06 -6.75 -8.25
C MET A 149 -7.27 -6.91 -9.19
N ASP A 150 -7.95 -8.04 -9.05
CA ASP A 150 -9.22 -8.29 -9.72
C ASP A 150 -10.31 -7.39 -9.13
N ALA A 151 -11.20 -6.88 -9.98
CA ALA A 151 -12.25 -5.97 -9.55
C ALA A 151 -13.22 -6.63 -8.58
N ASP A 152 -13.37 -7.95 -8.68
CA ASP A 152 -14.27 -8.68 -7.79
C ASP A 152 -13.59 -9.27 -6.55
N GLY A 153 -12.28 -9.03 -6.40
CA GLY A 153 -11.53 -9.59 -5.25
C GLY A 153 -11.21 -11.07 -5.36
N GLY A 154 -11.40 -11.62 -6.57
CA GLY A 154 -11.08 -13.01 -6.89
C GLY A 154 -12.25 -14.00 -7.00
N VAL A 155 -13.48 -13.52 -6.80
CA VAL A 155 -14.63 -14.42 -6.74
C VAL A 155 -14.80 -15.25 -8.03
N SER A 156 -14.65 -14.63 -9.20
CA SER A 156 -14.94 -15.32 -10.47
C SER A 156 -13.95 -16.47 -10.73
N LYS A 157 -12.71 -16.28 -10.28
CA LYS A 157 -11.69 -17.30 -10.42
C LYS A 157 -11.75 -18.39 -9.35
N TYR A 158 -12.21 -18.03 -8.14
CA TYR A 158 -12.15 -18.91 -6.95
C TYR A 158 -13.50 -18.93 -6.26
N PRO A 159 -14.43 -19.79 -6.75
CA PRO A 159 -15.79 -19.74 -6.21
CA PRO A 159 -15.80 -19.86 -6.24
C PRO A 159 -15.95 -20.11 -4.73
N THR A 160 -14.91 -20.66 -4.09
CA THR A 160 -14.93 -20.83 -2.62
C THR A 160 -14.67 -19.50 -1.88
N ASN A 161 -14.29 -18.45 -2.61
CA ASN A 161 -14.37 -17.08 -2.09
C ASN A 161 -15.71 -16.46 -2.50
N THR A 162 -16.66 -16.37 -1.59
CA THR A 162 -17.93 -15.72 -1.88
C THR A 162 -18.05 -14.37 -1.18
N ALA A 163 -17.03 -13.99 -0.39
CA ALA A 163 -17.07 -12.72 0.32
C ALA A 163 -16.72 -11.56 -0.61
N GLY A 164 -15.66 -11.74 -1.40
CA GLY A 164 -15.28 -10.80 -2.44
C GLY A 164 -14.80 -9.42 -2.01
N ALA A 165 -14.83 -8.50 -2.98
CA ALA A 165 -14.41 -7.11 -2.75
C ALA A 165 -15.19 -6.42 -1.62
N LYS A 166 -16.44 -6.79 -1.42
CA LYS A 166 -17.25 -6.20 -0.35
C LYS A 166 -16.59 -6.39 1.01
N TYR A 167 -15.78 -7.44 1.12
CA TYR A 167 -15.07 -7.78 2.37
C TYR A 167 -13.56 -7.70 2.20
N GLY A 168 -13.12 -6.98 1.17
CA GLY A 168 -11.72 -6.70 1.00
C GLY A 168 -10.84 -7.89 0.71
N THR A 169 -11.34 -8.86 -0.07
CA THR A 169 -10.52 -10.01 -0.46
C THR A 169 -9.68 -9.68 -1.68
N GLY A 170 -8.72 -10.56 -1.96
CA GLY A 170 -7.97 -10.53 -3.23
C GLY A 170 -6.68 -9.74 -3.28
N TYR A 171 -6.20 -9.25 -2.14
CA TYR A 171 -4.98 -8.46 -2.14
C TYR A 171 -3.80 -9.21 -2.73
N CYS A 172 -2.93 -8.42 -3.36
CA CYS A 172 -1.67 -8.87 -3.87
C CYS A 172 -0.77 -7.63 -3.94
N ASP A 173 0.53 -7.83 -3.83
CA ASP A 173 1.48 -6.78 -4.15
C ASP A 173 2.84 -7.36 -4.50
N SER A 174 3.81 -6.49 -4.71
CA SER A 174 5.08 -6.93 -5.26
C SER A 174 5.99 -7.64 -4.25
N GLN A 175 5.55 -7.71 -2.99
CA GLN A 175 6.23 -8.55 -2.00
C GLN A 175 5.73 -9.99 -2.01
N CYS A 176 4.73 -10.30 -2.84
CA CYS A 176 4.10 -11.65 -2.81
C CYS A 176 3.75 -12.03 -1.37
N PRO A 177 2.94 -11.19 -0.72
CA PRO A 177 2.76 -11.33 0.73
C PRO A 177 2.19 -12.68 1.16
N ARG A 178 2.86 -13.28 2.16
CA ARG A 178 2.50 -14.57 2.72
C ARG A 178 1.77 -14.44 4.08
N ASP A 179 1.59 -13.21 4.56
CA ASP A 179 0.86 -12.97 5.81
C ASP A 179 -0.66 -12.95 5.64
N LEU A 180 -1.13 -13.05 4.39
CA LEU A 180 -2.56 -13.09 4.12
C LEU A 180 -3.17 -14.40 4.59
N LYS A 181 -4.31 -14.28 5.25
CA LYS A 181 -4.99 -15.45 5.84
C LYS A 181 -5.82 -16.20 4.81
N PHE A 182 -6.28 -15.49 3.79
CA PHE A 182 -6.98 -16.14 2.65
C PHE A 182 -6.34 -15.73 1.34
N ILE A 183 -6.01 -16.71 0.49
CA ILE A 183 -5.52 -16.47 -0.87
C ILE A 183 -6.22 -17.46 -1.82
N ASN A 184 -6.76 -16.95 -2.94
CA ASN A 184 -7.43 -17.79 -3.95
C ASN A 184 -8.56 -18.66 -3.38
N GLY A 185 -9.36 -18.08 -2.51
CA GLY A 185 -10.50 -18.78 -1.93
C GLY A 185 -10.16 -19.93 -0.99
N GLN A 186 -8.89 -20.07 -0.64
CA GLN A 186 -8.43 -21.05 0.34
C GLN A 186 -7.82 -20.31 1.52
N ALA A 187 -7.82 -20.91 2.70
CA ALA A 187 -7.06 -20.34 3.82
C ALA A 187 -5.57 -20.55 3.58
N ASN A 188 -4.74 -19.97 4.46
CA ASN A 188 -3.29 -20.06 4.36
C ASN A 188 -2.74 -20.69 5.65
N VAL A 189 -3.57 -21.51 6.30
CA VAL A 189 -3.17 -22.20 7.54
C VAL A 189 -2.05 -23.23 7.32
N GLU A 190 -2.02 -23.86 6.15
CA GLU A 190 -0.96 -24.82 5.86
C GLU A 190 0.40 -24.12 5.83
N GLY A 191 1.35 -24.60 6.65
CA GLY A 191 2.65 -23.96 6.76
C GLY A 191 2.71 -22.73 7.64
N TRP A 192 1.62 -22.37 8.33
CA TRP A 192 1.58 -21.15 9.14
C TRP A 192 2.59 -21.14 10.27
N GLU A 193 3.34 -20.05 10.32
CA GLU A 193 4.32 -19.81 11.36
C GLU A 193 4.00 -18.45 12.00
N PRO A 194 3.60 -18.45 13.28
CA PRO A 194 3.29 -17.19 13.92
CA PRO A 194 3.30 -17.19 13.94
C PRO A 194 4.50 -16.28 13.98
N SER A 195 4.25 -14.98 13.89
CA SER A 195 5.31 -13.99 13.97
CA SER A 195 5.31 -13.99 13.97
C SER A 195 5.90 -13.98 15.38
N SER A 196 7.23 -13.95 15.44
CA SER A 196 7.97 -13.85 16.71
C SER A 196 7.73 -12.53 17.42
N ASN A 197 7.51 -11.44 16.66
CA ASN A 197 7.39 -10.09 17.24
C ASN A 197 6.02 -9.42 17.09
N ASN A 198 5.05 -10.12 16.50
CA ASN A 198 3.72 -9.55 16.34
C ASN A 198 2.66 -10.55 16.80
N ALA A 199 1.93 -10.16 17.84
CA ALA A 199 0.88 -10.98 18.42
C ALA A 199 -0.26 -11.33 17.47
N ASN A 200 -0.45 -10.54 16.41
CA ASN A 200 -1.61 -10.70 15.52
C ASN A 200 -1.31 -11.24 14.14
N THR A 201 -0.06 -11.59 13.83
CA THR A 201 0.29 -11.97 12.46
C THR A 201 1.13 -13.21 12.38
N GLY A 202 1.21 -13.76 11.16
CA GLY A 202 2.14 -14.83 10.87
C GLY A 202 2.42 -14.88 9.37
N ILE A 203 2.99 -16.00 8.94
CA ILE A 203 3.42 -16.23 7.57
C ILE A 203 3.00 -17.64 7.17
N GLY A 204 2.27 -17.74 6.06
CA GLY A 204 1.75 -19.03 5.60
C GLY A 204 2.54 -19.62 4.46
N GLY A 205 2.13 -20.80 4.01
CA GLY A 205 2.79 -21.46 2.90
C GLY A 205 2.54 -20.89 1.50
N HIS A 206 1.57 -19.98 1.37
CA HIS A 206 1.23 -19.33 0.09
CA HIS A 206 1.35 -19.33 0.08
C HIS A 206 1.36 -17.82 0.19
N GLY A 207 1.66 -17.19 -0.95
CA GLY A 207 1.65 -15.74 -1.07
C GLY A 207 0.85 -15.30 -2.28
N SER A 208 0.62 -13.98 -2.38
CA SER A 208 -0.18 -13.41 -3.43
C SER A 208 0.55 -12.26 -4.16
N CYS A 209 0.98 -12.53 -5.38
CA CYS A 209 1.87 -11.64 -6.13
C CYS A 209 1.08 -10.81 -7.14
N CYS A 210 1.45 -9.54 -7.29
CA CYS A 210 1.12 -8.77 -8.48
C CYS A 210 1.91 -7.47 -8.56
N SER A 211 1.88 -6.85 -9.74
CA SER A 211 2.45 -5.52 -9.99
C SER A 211 1.93 -4.48 -9.00
N GLU A 212 2.82 -3.55 -8.65
CA GLU A 212 2.58 -2.57 -7.60
C GLU A 212 3.20 -1.23 -7.98
N MET A 213 2.36 -0.17 -7.98
CA MET A 213 2.80 1.20 -8.21
C MET A 213 2.73 2.01 -6.92
N ASP A 214 3.87 2.21 -6.29
CA ASP A 214 3.90 2.93 -5.03
C ASP A 214 4.01 4.40 -5.33
N ILE A 215 2.86 5.03 -5.48
CA ILE A 215 2.81 6.46 -5.71
CA ILE A 215 2.80 6.47 -5.70
C ILE A 215 3.42 7.22 -4.52
N TRP A 216 3.12 6.77 -3.29
CA TRP A 216 3.43 7.52 -2.09
C TRP A 216 3.70 6.61 -0.89
N GLN A 217 4.96 6.48 -0.51
CA GLN A 217 5.37 5.81 0.72
C GLN A 217 6.00 6.95 1.49
N ALA A 218 5.41 7.33 2.62
CA ALA A 218 5.82 8.58 3.24
C ALA A 218 5.39 8.80 4.69
N ASN A 219 6.17 9.64 5.36
CA ASN A 219 5.80 10.23 6.64
C ASN A 219 6.27 11.67 6.62
N SER A 220 6.35 12.34 7.78
CA SER A 220 6.75 13.76 7.84
C SER A 220 8.23 13.98 7.55
N ILE A 221 9.01 12.91 7.48
CA ILE A 221 10.48 12.98 7.30
C ILE A 221 10.96 12.59 5.89
N SER A 222 10.35 11.54 5.32
CA SER A 222 10.77 11.00 4.02
C SER A 222 9.59 10.59 3.15
N GLU A 223 9.83 10.59 1.84
CA GLU A 223 8.83 10.14 0.86
C GLU A 223 9.52 9.50 -0.35
N ALA A 224 8.87 8.50 -0.93
CA ALA A 224 9.40 7.77 -2.07
C ALA A 224 8.31 7.39 -3.07
N LEU A 225 8.70 7.36 -4.34
CA LEU A 225 7.86 7.00 -5.49
C LEU A 225 8.51 5.79 -6.12
N THR A 226 7.80 4.67 -6.24
CA THR A 226 8.45 3.40 -6.61
C THR A 226 7.61 2.40 -7.42
N PRO A 227 7.88 2.24 -8.73
CA PRO A 227 7.27 1.13 -9.45
C PRO A 227 7.93 -0.22 -9.20
N HIS A 228 7.12 -1.27 -9.11
CA HIS A 228 7.60 -2.65 -8.94
C HIS A 228 7.00 -3.56 -10.02
N PRO A 229 7.81 -4.02 -11.00
CA PRO A 229 7.32 -4.98 -12.00
C PRO A 229 7.26 -6.41 -11.51
N CYS A 230 6.37 -7.21 -12.11
CA CYS A 230 6.35 -8.65 -11.94
C CYS A 230 6.23 -9.34 -13.30
N THR A 231 6.77 -10.56 -13.41
CA THR A 231 6.74 -11.31 -14.67
C THR A 231 5.34 -11.85 -15.01
N THR A 232 4.50 -12.05 -14.00
CA THR A 232 3.06 -12.15 -14.20
C THR A 232 2.45 -10.83 -13.75
N VAL A 233 1.71 -10.16 -14.63
CA VAL A 233 1.27 -8.78 -14.32
C VAL A 233 0.27 -8.71 -13.17
N GLY A 234 -0.76 -9.55 -13.24
CA GLY A 234 -1.87 -9.52 -12.29
C GLY A 234 -1.71 -10.53 -11.17
N GLN A 235 -2.76 -10.70 -10.39
CA GLN A 235 -2.73 -11.48 -9.16
C GLN A 235 -2.40 -12.93 -9.46
N GLU A 236 -1.48 -13.49 -8.69
CA GLU A 236 -1.09 -14.89 -8.86
C GLU A 236 -0.55 -15.44 -7.54
N ILE A 237 -1.00 -16.63 -7.18
CA ILE A 237 -0.48 -17.31 -5.99
C ILE A 237 0.97 -17.72 -6.20
N CYS A 238 1.72 -17.80 -5.10
CA CYS A 238 3.07 -18.36 -5.10
C CYS A 238 3.23 -19.33 -3.95
N GLU A 239 4.23 -20.20 -4.07
CA GLU A 239 4.49 -21.32 -3.17
C GLU A 239 5.71 -21.09 -2.28
N GLY A 240 5.48 -20.96 -0.98
CA GLY A 240 6.55 -20.87 0.00
C GLY A 240 7.68 -19.92 -0.33
N ASP A 241 8.92 -20.37 -0.16
CA ASP A 241 10.08 -19.51 -0.36
C ASP A 241 10.29 -19.13 -1.84
N GLY A 242 9.62 -19.87 -2.74
CA GLY A 242 9.48 -19.47 -4.15
C GLY A 242 8.80 -18.12 -4.38
N CYS A 243 8.09 -17.63 -3.35
CA CYS A 243 7.46 -16.32 -3.37
C CYS A 243 8.41 -15.16 -3.47
N GLY A 244 9.60 -15.29 -2.88
CA GLY A 244 10.47 -14.15 -2.72
C GLY A 244 9.81 -13.17 -1.77
N GLY A 245 10.26 -11.93 -1.81
CA GLY A 245 9.67 -10.85 -1.02
C GLY A 245 10.07 -10.84 0.46
N THR A 246 9.50 -9.88 1.17
CA THR A 246 9.81 -9.61 2.57
C THR A 246 9.53 -10.81 3.51
N TYR A 247 8.56 -11.63 3.14
CA TYR A 247 8.06 -12.70 4.00
C TYR A 247 8.77 -14.05 3.76
N SER A 248 9.74 -14.06 2.83
CA SER A 248 10.54 -15.27 2.55
C SER A 248 12.00 -15.09 2.96
N ASP A 249 12.66 -16.17 3.34
CA ASP A 249 14.10 -16.10 3.65
C ASP A 249 14.94 -15.63 2.46
N ASN A 250 14.52 -15.97 1.25
CA ASN A 250 15.18 -15.46 0.06
C ASN A 250 14.27 -14.44 -0.59
N ARG A 251 14.80 -13.24 -0.69
CA ARG A 251 14.10 -12.08 -1.18
C ARG A 251 13.83 -12.11 -2.68
N TYR A 252 14.74 -12.74 -3.44
CA TYR A 252 14.82 -12.55 -4.90
C TYR A 252 14.49 -13.72 -5.81
N GLY A 253 14.15 -14.87 -5.27
CA GLY A 253 13.93 -16.01 -6.17
C GLY A 253 12.61 -16.04 -6.93
N GLY A 254 11.75 -15.04 -6.77
CA GLY A 254 10.36 -15.13 -7.27
C GLY A 254 10.04 -14.33 -8.53
N THR A 255 8.74 -14.10 -8.75
CA THR A 255 8.21 -13.49 -9.97
C THR A 255 8.09 -11.97 -9.90
N CYS A 256 8.15 -11.40 -8.69
CA CYS A 256 8.04 -9.96 -8.51
C CYS A 256 9.36 -9.33 -8.09
N ASP A 257 9.50 -8.04 -8.36
CA ASP A 257 10.60 -7.25 -7.85
C ASP A 257 10.20 -6.57 -6.54
N PRO A 258 10.73 -7.03 -5.38
CA PRO A 258 10.35 -6.46 -4.08
C PRO A 258 11.06 -5.17 -3.73
N ASP A 259 12.06 -4.77 -4.52
CA ASP A 259 12.85 -3.59 -4.21
C ASP A 259 12.27 -2.38 -4.95
N GLY A 260 12.12 -2.53 -6.25
CA GLY A 260 11.57 -1.47 -7.09
C GLY A 260 12.60 -0.45 -7.52
N CYS A 261 12.23 0.39 -8.50
CA CYS A 261 13.03 1.52 -8.93
C CYS A 261 12.54 2.74 -8.15
N ASP A 262 13.12 2.98 -6.97
CA ASP A 262 12.62 4.01 -6.08
C ASP A 262 13.23 5.37 -6.33
N TRP A 263 12.42 6.40 -6.19
CA TRP A 263 12.89 7.76 -6.27
C TRP A 263 12.56 8.44 -4.94
N ASN A 264 13.59 8.70 -4.13
CA ASN A 264 13.45 9.37 -2.84
C ASN A 264 14.38 10.60 -2.88
N PRO A 265 13.81 11.83 -2.92
CA PRO A 265 14.71 12.98 -3.14
C PRO A 265 15.83 13.11 -2.11
N TYR A 266 15.55 12.75 -0.86
CA TYR A 266 16.58 12.77 0.19
C TYR A 266 17.70 11.80 -0.15
N ARG A 267 17.33 10.57 -0.47
CA ARG A 267 18.29 9.51 -0.85
C ARG A 267 19.20 9.91 -2.02
N LEU A 268 18.63 10.61 -2.99
CA LEU A 268 19.37 11.10 -4.16
C LEU A 268 20.19 12.37 -3.89
N GLY A 269 20.09 12.94 -2.69
CA GLY A 269 20.99 14.02 -2.26
C GLY A 269 20.38 15.35 -1.89
N ASN A 270 19.09 15.56 -2.19
CA ASN A 270 18.47 16.82 -1.84
C ASN A 270 17.79 16.67 -0.48
N THR A 271 18.56 16.93 0.57
CA THR A 271 18.10 16.76 1.94
C THR A 271 17.27 17.94 2.45
N SER A 272 17.08 18.96 1.60
CA SER A 272 16.35 20.18 1.96
C SER A 272 14.95 20.26 1.34
N PHE A 273 14.55 19.27 0.53
CA PHE A 273 13.33 19.38 -0.25
C PHE A 273 12.07 19.13 0.57
N TYR A 274 12.11 18.14 1.45
CA TYR A 274 10.90 17.65 2.09
C TYR A 274 11.17 17.38 3.56
N GLY A 275 10.44 18.08 4.42
CA GLY A 275 10.59 17.89 5.85
C GLY A 275 9.78 18.87 6.64
N PRO A 276 9.79 18.73 7.98
CA PRO A 276 8.93 19.55 8.83
C PRO A 276 9.47 20.96 9.03
N GLY A 277 8.66 21.95 8.68
CA GLY A 277 8.97 23.33 8.96
C GLY A 277 9.48 24.11 7.77
N SER A 278 9.74 25.38 8.05
CA SER A 278 10.01 26.36 6.99
C SER A 278 11.39 26.24 6.39
N SER A 279 12.24 25.38 6.93
CA SER A 279 13.58 25.18 6.36
C SER A 279 13.59 24.19 5.18
N PHE A 280 12.44 23.59 4.86
CA PHE A 280 12.33 22.69 3.71
C PHE A 280 11.50 23.31 2.59
N THR A 281 11.76 22.87 1.36
CA THR A 281 10.99 23.38 0.21
C THR A 281 9.49 23.10 0.36
N LEU A 282 9.19 21.87 0.76
CA LEU A 282 7.84 21.43 1.07
C LEU A 282 7.83 21.18 2.58
N ASP A 283 6.94 21.90 3.26
CA ASP A 283 6.80 21.89 4.72
C ASP A 283 5.77 20.84 5.13
N THR A 284 6.27 19.76 5.73
CA THR A 284 5.42 18.61 6.04
C THR A 284 4.55 18.78 7.27
N THR A 285 4.67 19.90 7.99
CA THR A 285 3.64 20.27 8.96
C THR A 285 2.34 20.75 8.32
N LYS A 286 2.33 21.02 7.01
CA LYS A 286 1.14 21.53 6.32
C LYS A 286 0.75 20.62 5.15
N LYS A 287 -0.52 20.70 4.75
CA LYS A 287 -1.06 19.91 3.65
CA LYS A 287 -1.03 19.88 3.66
C LYS A 287 -0.28 20.21 2.37
N LEU A 288 -0.10 19.19 1.52
CA LEU A 288 0.52 19.37 0.21
C LEU A 288 -0.23 18.56 -0.86
N THR A 289 -0.08 19.00 -2.11
CA THR A 289 -0.65 18.31 -3.29
C THR A 289 0.44 17.57 -4.03
N VAL A 290 0.16 16.32 -4.39
CA VAL A 290 1.11 15.43 -5.07
C VAL A 290 0.50 14.93 -6.37
N VAL A 291 1.18 15.20 -7.49
CA VAL A 291 0.66 14.84 -8.83
C VAL A 291 1.66 13.89 -9.51
N THR A 292 1.15 12.79 -10.06
CA THR A 292 2.00 11.76 -10.67
C THR A 292 1.45 11.42 -12.06
N GLN A 293 2.30 11.57 -13.07
CA GLN A 293 1.90 11.47 -14.48
C GLN A 293 2.56 10.27 -15.17
N PHE A 294 1.77 9.45 -15.85
CA PHE A 294 2.24 8.22 -16.47
C PHE A 294 2.29 8.37 -17.98
N GLU A 295 3.39 8.91 -18.49
CA GLU A 295 3.46 9.20 -19.91
C GLU A 295 3.54 7.88 -20.69
N THR A 296 3.06 7.86 -21.94
CA THR A 296 2.94 6.60 -22.69
C THR A 296 4.27 5.91 -22.97
N SER A 297 5.39 6.64 -22.86
CA SER A 297 6.71 6.02 -22.96
C SER A 297 6.99 4.98 -21.88
N GLY A 298 6.26 5.09 -20.77
CA GLY A 298 6.46 4.24 -19.59
C GLY A 298 7.21 4.96 -18.48
N ALA A 299 7.69 6.18 -18.74
CA ALA A 299 8.37 7.00 -17.74
C ALA A 299 7.33 7.66 -16.84
N ILE A 300 7.76 8.05 -15.65
CA ILE A 300 6.88 8.68 -14.67
C ILE A 300 7.38 10.09 -14.32
N ASN A 301 6.49 11.08 -14.41
CA ASN A 301 6.81 12.44 -13.98
C ASN A 301 6.03 12.81 -12.74
N ARG A 302 6.56 13.79 -12.02
CA ARG A 302 6.03 14.17 -10.73
C ARG A 302 6.20 15.65 -10.46
N TYR A 303 5.13 16.28 -9.97
CA TYR A 303 5.24 17.62 -9.36
C TYR A 303 4.37 17.75 -8.13
N TYR A 304 4.68 18.80 -7.35
CA TYR A 304 4.01 19.06 -6.09
C TYR A 304 3.48 20.50 -6.07
N VAL A 305 2.42 20.72 -5.31
CA VAL A 305 1.92 22.06 -5.08
C VAL A 305 1.68 22.28 -3.59
N GLN A 306 2.18 23.40 -3.06
CA GLN A 306 1.92 23.80 -1.68
C GLN A 306 1.74 25.33 -1.61
N ASN A 307 0.62 25.77 -1.02
CA ASN A 307 0.30 27.21 -0.94
C ASN A 307 0.40 27.87 -2.31
N GLY A 308 -0.10 27.16 -3.32
CA GLY A 308 -0.13 27.69 -4.70
C GLY A 308 1.20 27.78 -5.44
N VAL A 309 2.29 27.29 -4.85
CA VAL A 309 3.61 27.25 -5.49
C VAL A 309 3.85 25.82 -5.98
N THR A 310 4.29 25.72 -7.23
CA THR A 310 4.52 24.45 -7.91
C THR A 310 6.01 24.11 -7.97
N PHE A 311 6.33 22.86 -7.66
CA PHE A 311 7.70 22.34 -7.70
C PHE A 311 7.71 21.02 -8.47
N GLN A 312 8.48 20.94 -9.56
CA GLN A 312 8.75 19.63 -10.18
C GLN A 312 9.52 18.77 -9.19
N GLN A 313 9.43 17.45 -9.34
CA GLN A 313 10.40 16.57 -8.68
C GLN A 313 11.80 17.18 -8.79
N PRO A 314 12.56 17.23 -7.67
CA PRO A 314 13.90 17.85 -7.81
C PRO A 314 14.84 17.10 -8.75
N ASN A 315 15.70 17.85 -9.43
CA ASN A 315 16.70 17.19 -10.26
C ASN A 315 17.66 16.35 -9.42
N ALA A 316 18.09 15.25 -10.02
CA ALA A 316 19.07 14.35 -9.41
C ALA A 316 20.11 13.98 -10.45
N GLU A 317 21.34 13.78 -10.00
CA GLU A 317 22.43 13.32 -10.84
C GLU A 317 22.96 12.06 -10.21
N LEU A 318 22.98 10.98 -10.99
CA LEU A 318 23.38 9.68 -10.50
C LEU A 318 24.05 8.94 -11.64
N GLY A 319 25.36 8.70 -11.51
CA GLY A 319 26.14 8.16 -12.62
C GLY A 319 25.98 9.06 -13.84
N SER A 320 25.67 8.46 -14.97
CA SER A 320 25.42 9.21 -16.21
C SER A 320 23.99 9.76 -16.35
N TYR A 321 23.10 9.44 -15.41
CA TYR A 321 21.75 10.00 -15.43
C TYR A 321 21.72 11.41 -14.85
N SER A 322 20.95 12.29 -15.48
CA SER A 322 20.65 13.61 -14.92
C SER A 322 19.23 14.04 -15.30
N GLY A 323 18.45 14.52 -14.34
CA GLY A 323 17.09 14.95 -14.62
C GLY A 323 16.13 14.71 -13.44
N ASN A 324 14.83 14.83 -13.72
CA ASN A 324 13.80 14.65 -12.70
C ASN A 324 12.66 13.70 -13.11
N GLU A 325 12.79 13.08 -14.27
CA GLU A 325 11.87 12.04 -14.75
C GLU A 325 12.37 10.63 -14.40
N LEU A 326 11.45 9.83 -13.85
CA LEU A 326 11.73 8.44 -13.53
C LEU A 326 11.56 7.59 -14.80
N ASN A 327 12.68 7.34 -15.47
CA ASN A 327 12.72 6.62 -16.75
C ASN A 327 13.74 5.47 -16.69
N ASP A 328 13.84 4.72 -17.77
CA ASP A 328 14.81 3.60 -17.90
C ASP A 328 16.22 4.03 -17.50
N ASP A 329 16.63 5.21 -17.98
CA ASP A 329 17.98 5.70 -17.70
C ASP A 329 18.20 5.90 -16.18
N TYR A 330 17.22 6.49 -15.51
CA TYR A 330 17.32 6.61 -14.05
C TYR A 330 17.46 5.23 -13.40
N CYS A 331 16.57 4.31 -13.73
CA CYS A 331 16.52 3.04 -13.02
C CYS A 331 17.78 2.22 -13.21
N THR A 332 18.32 2.28 -14.42
CA THR A 332 19.56 1.59 -14.78
C THR A 332 20.73 2.22 -14.02
N ALA A 333 20.78 3.55 -13.98
CA ALA A 333 21.85 4.26 -13.26
C ALA A 333 21.75 3.97 -11.76
N GLU A 334 20.52 3.89 -11.25
CA GLU A 334 20.32 3.59 -9.83
C GLU A 334 20.90 2.21 -9.48
N GLU A 335 20.63 1.21 -10.31
CA GLU A 335 21.18 -0.13 -10.09
C GLU A 335 22.71 -0.13 -10.18
N ALA A 336 23.27 0.65 -11.10
CA ALA A 336 24.72 0.73 -11.24
C ALA A 336 25.36 1.37 -10.00
N GLU A 337 24.71 2.40 -9.43
CA GLU A 337 25.34 3.20 -8.37
C GLU A 337 25.04 2.72 -6.96
N PHE A 338 23.78 2.34 -6.70
CA PHE A 338 23.34 1.86 -5.40
C PHE A 338 23.41 0.34 -5.25
N GLY A 339 23.36 -0.36 -6.37
CA GLY A 339 23.47 -1.81 -6.41
C GLY A 339 22.13 -2.45 -6.72
N GLY A 340 22.17 -3.75 -7.03
CA GLY A 340 20.96 -4.54 -7.23
C GLY A 340 20.64 -4.79 -8.70
N SER A 341 19.89 -5.85 -8.96
CA SER A 341 19.44 -6.16 -10.31
C SER A 341 17.99 -6.60 -10.37
N SER A 342 17.25 -6.49 -9.26
CA SER A 342 15.89 -7.03 -9.22
C SER A 342 14.95 -6.31 -10.19
N PHE A 343 14.97 -4.98 -10.18
CA PHE A 343 14.08 -4.21 -11.07
C PHE A 343 14.29 -4.60 -12.53
N SER A 344 15.55 -4.62 -12.96
CA SER A 344 15.84 -4.95 -14.36
C SER A 344 15.65 -6.44 -14.67
N ASP A 345 15.95 -7.31 -13.72
CA ASP A 345 15.69 -8.74 -13.85
C ASP A 345 14.22 -9.03 -14.17
N LYS A 346 13.32 -8.32 -13.48
CA LYS A 346 11.88 -8.45 -13.72
C LYS A 346 11.34 -7.64 -14.90
N GLY A 347 12.18 -7.02 -15.69
CA GLY A 347 11.74 -6.33 -16.92
C GLY A 347 11.61 -4.81 -16.92
N GLY A 348 11.97 -4.17 -15.81
CA GLY A 348 11.97 -2.72 -15.72
C GLY A 348 10.67 -2.04 -16.09
N LEU A 349 10.77 -0.81 -16.58
CA LEU A 349 9.59 -0.01 -16.90
C LEU A 349 8.81 -0.57 -18.09
N THR A 350 9.46 -1.31 -18.99
CA THR A 350 8.74 -1.97 -20.09
C THR A 350 7.75 -2.98 -19.55
N GLN A 351 8.20 -3.84 -18.62
CA GLN A 351 7.28 -4.78 -17.99
C GLN A 351 6.26 -4.06 -17.13
N PHE A 352 6.67 -2.97 -16.48
CA PHE A 352 5.76 -2.26 -15.60
C PHE A 352 4.61 -1.58 -16.37
N LYS A 353 4.92 -1.13 -17.58
CA LYS A 353 3.95 -0.56 -18.48
C LYS A 353 2.77 -1.51 -18.75
N LYS A 354 2.98 -2.82 -18.67
CA LYS A 354 1.89 -3.76 -18.87
C LYS A 354 0.86 -3.65 -17.74
N ALA A 355 1.32 -3.30 -16.54
CA ALA A 355 0.42 -3.08 -15.41
C ALA A 355 -0.38 -1.77 -15.55
N THR A 356 0.31 -0.68 -15.86
CA THR A 356 -0.37 0.62 -15.96
C THR A 356 -1.27 0.71 -17.20
N SER A 357 -0.99 -0.13 -18.20
CA SER A 357 -1.85 -0.26 -19.38
C SER A 357 -3.17 -0.96 -19.08
N GLY A 358 -3.22 -1.78 -18.02
CA GLY A 358 -4.43 -2.46 -17.59
C GLY A 358 -5.03 -1.76 -16.40
N GLY A 359 -5.95 -2.42 -15.71
CA GLY A 359 -6.59 -1.84 -14.51
C GLY A 359 -5.80 -2.14 -13.25
N MET A 360 -5.70 -1.12 -12.39
CA MET A 360 -5.15 -1.30 -11.04
C MET A 360 -6.07 -0.67 -10.00
N VAL A 361 -6.04 -1.25 -8.81
CA VAL A 361 -6.87 -0.84 -7.71
C VAL A 361 -6.09 0.13 -6.79
N LEU A 362 -6.76 1.21 -6.37
CA LEU A 362 -6.22 2.21 -5.41
C LEU A 362 -6.29 1.71 -3.96
N VAL A 363 -5.15 1.79 -3.28
CA VAL A 363 -4.98 1.36 -1.91
C VAL A 363 -4.51 2.56 -1.10
N MET A 364 -5.10 2.76 0.08
CA MET A 364 -4.64 3.75 1.02
C MET A 364 -4.47 3.08 2.38
N SER A 365 -3.32 3.28 3.00
CA SER A 365 -2.99 2.55 4.22
C SER A 365 -2.17 3.35 5.21
N LEU A 366 -2.18 2.91 6.47
CA LEU A 366 -1.28 3.42 7.50
C LEU A 366 -0.75 2.22 8.25
N TRP A 367 0.58 2.15 8.38
CA TRP A 367 1.21 1.02 9.04
C TRP A 367 2.56 1.35 9.65
N ASP A 368 2.97 0.51 10.61
CA ASP A 368 4.36 0.43 11.04
C ASP A 368 4.92 -0.86 10.49
N ASP A 369 6.21 -1.06 10.64
CA ASP A 369 6.94 -2.06 9.88
C ASP A 369 7.62 -3.07 10.79
N TYR A 370 6.99 -4.23 10.94
CA TYR A 370 7.53 -5.28 11.82
C TYR A 370 8.76 -6.03 11.26
N TYR A 371 9.07 -5.87 9.97
CA TYR A 371 10.19 -6.54 9.35
C TYR A 371 11.47 -5.68 9.33
N ALA A 372 11.33 -4.37 9.10
CA ALA A 372 12.51 -3.50 8.98
C ALA A 372 12.38 -2.08 9.58
N ASN A 373 11.37 -1.86 10.43
CA ASN A 373 11.22 -0.62 11.21
C ASN A 373 11.19 0.65 10.38
N MET A 374 10.81 0.50 9.10
CA MET A 374 10.70 1.56 8.12
C MET A 374 12.02 2.25 7.83
N LEU A 375 13.14 1.60 8.20
CA LEU A 375 14.46 2.22 8.02
C LEU A 375 14.82 2.41 6.55
N TRP A 376 14.34 1.50 5.69
CA TRP A 376 14.52 1.58 4.24
C TRP A 376 13.91 2.88 3.64
N LEU A 377 12.96 3.48 4.36
CA LEU A 377 12.32 4.71 3.90
C LEU A 377 12.95 5.95 4.49
N ASP A 378 13.20 5.96 5.80
CA ASP A 378 13.46 7.22 6.52
C ASP A 378 14.76 7.28 7.34
N SER A 379 15.64 6.30 7.17
CA SER A 379 16.85 6.22 8.02
C SER A 379 18.04 5.78 7.16
N THR A 380 19.06 5.20 7.79
CA THR A 380 20.21 4.63 7.09
C THR A 380 20.04 3.12 7.05
N TYR A 381 20.21 2.51 5.89
CA TYR A 381 19.85 1.10 5.72
C TYR A 381 20.70 0.46 4.63
N PRO A 382 21.36 -0.67 4.91
CA PRO A 382 21.40 -1.31 6.24
C PRO A 382 22.07 -0.42 7.30
N THR A 383 21.80 -0.69 8.58
CA THR A 383 22.19 0.24 9.64
C THR A 383 23.69 0.25 9.95
N ASN A 384 24.42 -0.76 9.47
CA ASN A 384 25.89 -0.76 9.57
C ASN A 384 26.57 0.20 8.56
N GLU A 385 25.86 0.65 7.53
CA GLU A 385 26.45 1.50 6.51
C GLU A 385 26.58 2.94 6.98
N THR A 386 27.41 3.71 6.30
CA THR A 386 27.53 5.14 6.59
C THR A 386 27.12 5.90 5.35
N SER A 387 27.16 7.22 5.43
CA SER A 387 26.89 8.10 4.30
C SER A 387 27.90 7.94 3.15
N SER A 388 29.03 7.30 3.43
CA SER A 388 30.00 7.00 2.36
C SER A 388 29.53 5.87 1.43
N THR A 389 28.52 5.10 1.84
CA THR A 389 27.94 4.08 1.00
C THR A 389 26.85 4.75 0.14
N PRO A 390 26.98 4.67 -1.20
CA PRO A 390 25.98 5.35 -2.03
C PRO A 390 24.56 4.84 -1.78
N GLY A 391 23.65 5.77 -1.50
CA GLY A 391 22.24 5.46 -1.31
C GLY A 391 21.89 4.85 0.03
N ALA A 392 22.84 4.77 0.96
CA ALA A 392 22.51 4.16 2.26
C ALA A 392 21.60 5.05 3.08
N VAL A 393 21.81 6.35 3.03
CA VAL A 393 21.03 7.27 3.87
C VAL A 393 19.79 7.67 3.08
N ARG A 394 18.61 7.28 3.59
CA ARG A 394 17.34 7.64 2.93
C ARG A 394 16.53 8.73 3.67
N GLY A 395 16.96 9.07 4.88
CA GLY A 395 16.25 10.04 5.68
C GLY A 395 17.02 10.32 6.96
N SER A 396 16.51 11.24 7.78
CA SER A 396 17.21 11.72 8.97
C SER A 396 16.87 10.96 10.27
N CYS A 397 15.96 10.00 10.20
CA CYS A 397 15.58 9.21 11.38
C CYS A 397 16.75 8.36 11.87
N SER A 398 16.90 8.28 13.19
CA SER A 398 17.87 7.37 13.79
C SER A 398 17.70 5.94 13.32
N THR A 399 18.80 5.21 13.25
CA THR A 399 18.72 3.79 12.93
C THR A 399 18.06 2.97 14.05
N SER A 400 17.82 3.60 15.22
CA SER A 400 17.10 2.98 16.34
C SER A 400 15.59 3.20 16.30
N SER A 401 15.12 3.98 15.31
CA SER A 401 13.72 4.41 15.23
C SER A 401 12.79 3.33 14.68
N GLY A 402 11.50 3.49 14.95
CA GLY A 402 10.45 2.68 14.33
C GLY A 402 10.23 1.28 14.87
N VAL A 403 10.70 0.98 16.08
CA VAL A 403 10.37 -0.31 16.69
C VAL A 403 8.84 -0.28 16.93
N PRO A 404 8.14 -1.25 16.35
CA PRO A 404 6.67 -1.12 16.38
C PRO A 404 6.05 -0.96 17.77
N ALA A 405 6.47 -1.74 18.74
CA ALA A 405 5.90 -1.62 20.07
C ALA A 405 6.18 -0.23 20.66
N GLN A 406 7.34 0.33 20.33
CA GLN A 406 7.69 1.65 20.82
C GLN A 406 6.85 2.75 20.20
N VAL A 407 6.70 2.76 18.88
CA VAL A 407 5.94 3.82 18.23
C VAL A 407 4.45 3.65 18.49
N GLU A 408 4.00 2.42 18.71
CA GLU A 408 2.61 2.18 19.09
C GLU A 408 2.29 2.75 20.49
N SER A 409 3.26 2.60 21.39
CA SER A 409 3.14 3.16 22.73
CA SER A 409 3.16 3.16 22.74
C SER A 409 3.28 4.68 22.77
N GLN A 410 4.22 5.23 21.99
CA GLN A 410 4.53 6.67 22.04
C GLN A 410 3.70 7.57 21.16
N SER A 411 3.24 7.05 20.02
CA SER A 411 2.52 7.84 19.03
C SER A 411 1.20 7.22 18.61
N PRO A 412 0.39 6.74 19.58
CA PRO A 412 -0.86 6.06 19.18
C PRO A 412 -1.86 6.94 18.42
N ASN A 413 -1.80 8.25 18.64
CA ASN A 413 -2.70 9.19 17.99
C ASN A 413 -2.19 9.70 16.65
N ALA A 414 -1.07 9.17 16.17
CA ALA A 414 -0.62 9.45 14.81
C ALA A 414 -1.75 9.13 13.83
N LYS A 415 -1.73 9.80 12.70
CA LYS A 415 -2.76 9.58 11.69
C LYS A 415 -2.34 10.17 10.35
N VAL A 416 -3.06 9.79 9.30
CA VAL A 416 -2.85 10.36 7.96
C VAL A 416 -4.21 10.73 7.38
N THR A 417 -4.25 11.82 6.63
CA THR A 417 -5.42 12.25 5.91
C THR A 417 -5.10 12.42 4.43
N PHE A 418 -5.80 11.64 3.62
CA PHE A 418 -5.75 11.73 2.16
C PHE A 418 -7.01 12.41 1.70
N SER A 419 -6.90 13.35 0.78
CA SER A 419 -8.09 14.07 0.30
C SER A 419 -7.98 14.56 -1.14
N ASN A 420 -9.13 14.98 -1.68
CA ASN A 420 -9.21 15.60 -3.00
C ASN A 420 -8.50 14.80 -4.10
N ILE A 421 -8.82 13.52 -4.19
CA ILE A 421 -8.36 12.68 -5.27
C ILE A 421 -8.93 13.17 -6.62
N LYS A 422 -8.04 13.37 -7.58
CA LYS A 422 -8.45 13.74 -8.93
C LYS A 422 -7.68 12.91 -9.93
N PHE A 423 -8.37 12.41 -10.96
CA PHE A 423 -7.78 11.49 -11.93
C PHE A 423 -8.25 11.84 -13.34
N GLY A 424 -7.34 11.81 -14.30
CA GLY A 424 -7.70 12.03 -15.70
C GLY A 424 -6.50 12.12 -16.59
N PRO A 425 -6.70 12.51 -17.86
CA PRO A 425 -5.58 12.67 -18.77
C PRO A 425 -4.51 13.59 -18.22
N ILE A 426 -3.28 13.32 -18.61
CA ILE A 426 -2.19 14.21 -18.29
C ILE A 426 -2.57 15.65 -18.62
N GLY A 427 -2.30 16.53 -17.67
CA GLY A 427 -2.60 17.95 -17.79
C GLY A 427 -4.00 18.40 -17.38
N SER A 428 -4.87 17.45 -17.01
CA SER A 428 -6.28 17.76 -16.75
C SER A 428 -6.66 18.01 -15.29
N THR A 429 -5.89 17.50 -14.33
CA THR A 429 -6.36 17.49 -12.95
C THR A 429 -6.22 18.79 -12.16
N GLY A 430 -5.51 19.78 -12.70
CA GLY A 430 -5.40 21.07 -12.04
C GLY A 430 -6.55 22.02 -12.37
N ASN A 431 -7.46 21.58 -13.24
CA ASN A 431 -8.62 22.37 -13.62
C ASN A 431 -9.73 22.26 -12.58
N PRO A 432 -10.73 23.14 -12.66
CA PRO A 432 -11.75 23.18 -11.61
C PRO A 432 -12.50 21.88 -11.35
N SER A 433 -12.60 21.52 -10.07
CA SER A 433 -13.44 20.42 -9.64
C SER A 433 -14.92 20.71 -9.93
N GLY A 434 -15.68 19.67 -10.26
CA GLY A 434 -17.10 19.79 -10.55
C GLY A 434 -17.92 19.77 -9.27
C1 XYP B . -1.10 -5.27 10.36
C2 XYP B . -2.03 -6.45 10.69
C3 XYP B . -2.36 -7.25 9.42
C4 XYP B . -1.04 -7.53 8.72
C5 XYP B . -0.29 -6.25 8.42
O2 XYP B . -3.20 -5.92 11.30
O3 XYP B . -3.03 -8.50 9.68
O4 XYP B . -1.29 -8.22 7.49
O5 XYP B . 0.08 -5.70 9.68
C1 XYP B . -3.88 -6.61 12.21
C2 XYP B . -4.74 -5.62 12.97
C3 XYP B . -5.55 -6.35 14.04
C4 XYP B . -6.35 -7.45 13.35
C5 XYP B . -5.49 -8.36 12.50
O2 XYP B . -3.90 -4.62 13.57
O3 XYP B . -6.40 -5.45 14.76
O4 XYP B . -6.99 -8.26 14.36
O5 XYP B . -4.68 -7.62 11.58
C1 XYP B . -8.32 -8.42 14.32
C2 XYP B . -8.62 -9.71 15.09
C3 XYP B . -10.12 -9.93 15.12
C4 XYP B . -10.77 -8.70 15.73
C5 XYP B . -10.37 -7.41 14.99
O2 XYP B . -7.97 -10.82 14.46
O3 XYP B . -10.46 -11.12 15.86
O4 XYP B . -12.20 -8.85 15.67
O5 XYP B . -8.95 -7.29 14.93
C1 XYP B . -12.99 -9.11 16.70
C2 XYP B . -14.45 -8.68 16.55
C3 XYP B . -15.19 -8.95 17.86
C4 XYP B . -15.00 -10.40 18.28
C5 XYP B . -13.52 -10.76 18.30
O2 XYP B . -14.49 -7.28 16.20
O3 XYP B . -16.59 -8.65 17.71
O4 XYP B . -15.57 -10.61 19.58
O5 XYP B . -12.95 -10.50 17.02
C1 XYP C . 5.17 -1.31 1.41
C2 XYP C . 4.44 -2.64 1.25
C3 XYP C . 4.59 -3.26 -0.13
C4 XYP C . 5.98 -2.96 -0.71
C5 XYP C . 6.16 -1.44 -0.74
O2 XYP C . 3.04 -2.53 1.58
O3 XYP C . 4.39 -4.67 0.06
O4 XYP C . 6.25 -3.47 -2.02
O5 XYP C . 6.36 -1.14 0.64
C1 XYP C . 2.31 -2.56 2.70
C2 XYP C . 0.84 -2.40 3.11
C3 XYP C . 0.70 -2.36 4.63
C4 XYP C . 1.46 -3.50 5.29
C5 XYP C . 2.90 -3.57 4.78
O2 XYP C . 0.29 -1.16 2.64
O3 XYP C . -0.69 -2.43 4.96
O4 XYP C . 1.43 -3.32 6.71
O5 XYP C . 2.90 -3.68 3.35
CO CO D . 9.07 12.11 -20.89
CO CO E . 0.13 -24.92 -2.61
C1 NAG F . 16.21 20.81 -3.68
C2 NAG F . 17.22 21.91 -3.99
C3 NAG F . 16.58 23.28 -4.13
C4 NAG F . 15.49 23.18 -5.17
C5 NAG F . 14.50 22.11 -4.72
C6 NAG F . 13.36 22.02 -5.73
C7 NAG F . 19.40 21.33 -3.11
C8 NAG F . 20.46 21.51 -2.04
N2 NAG F . 18.28 22.03 -2.97
O3 NAG F . 17.54 24.22 -4.57
O4 NAG F . 14.84 24.41 -5.26
O5 NAG F . 15.15 20.87 -4.64
O6 NAG F . 13.81 21.55 -6.98
O7 NAG F . 19.60 20.56 -4.04
O1 XYP G . 13.98 -2.67 0.55
C1 XYP G . 12.61 -2.60 0.11
C2 XYP G . 11.66 -2.72 1.29
C3 XYP G . 10.23 -2.73 0.79
C4 XYP G . 9.98 -1.49 -0.04
C5 XYP G . 11.04 -1.34 -1.14
O2 XYP G . 11.91 -3.93 1.98
O3 XYP G . 9.29 -2.81 1.87
O4 XYP G . 8.65 -1.57 -0.59
O5 XYP G . 12.36 -1.37 -0.59
#